data_2XFH
#
_entry.id   2XFH
#
_cell.length_a   37.920
_cell.length_b   53.680
_cell.length_c   58.109
_cell.angle_alpha   100.27
_cell.angle_beta   90.93
_cell.angle_gamma   94.19
#
_symmetry.space_group_name_H-M   'P 1'
#
loop_
_entity.id
_entity.type
_entity.pdbx_description
1 polymer 'ERYTHROMYCIN B/D C-12 HYDROXYLASE'
2 non-polymer 'PROTOPORPHYRIN IX CONTAINING FE'
3 non-polymer 1-[(2-CHLOROPHENYL)(DIPHENYL)METHYL]-1H-IMIDAZOLE
4 non-polymer 'DIMETHYL SULFOXIDE'
5 water water
#
_entity_poly.entity_id   1
_entity_poly.type   'polypeptide(L)'
_entity_poly.pdbx_seq_one_letter_code
;MFADVETTCCARRTLTTIDEVPGMADETALLDWLGTMREKQPVWQDRYGVWHVFRHADVQTVLRDTATFSSDPTRVIEGA
SPTPGMIHEIDPPEHRALRKVVSSAFTPRTISDLEPRIRDVTRSLLADAGESFDLVDVLAFPLPVTIVAELLGLPPMDHE
QFGDWSGALVDIQMDDPTDPALAERIADVLNPLTAYLKARCAERRADPGDDLISRLVLAEVDGRALDDEEAANFSTALLL
AGHITTTVLLGNIVRTLDEHPAHWDAAAEDPGRIPAIVEEVLRYRPPFPQMQRTTTKATEVAGVPIPADVMVNTWVLSAN
RDSDAHDDPDRFDPSRKSGGAAQLSFGHGVHFCLGAPLARLENRVALEEIIARFGRLTVDRDDERLRHFEQIVLGTRHLP
VLAGSSPRQSA
;
_entity_poly.pdbx_strand_id   A
#
# COMPACT_ATOMS: atom_id res chain seq x y z
N ILE A 18 28.51 -6.03 5.52
CA ILE A 18 28.30 -7.43 5.99
C ILE A 18 27.23 -7.46 7.09
N ASP A 19 27.01 -6.29 7.71
CA ASP A 19 26.22 -6.16 8.93
CA ASP A 19 26.22 -6.16 8.92
C ASP A 19 24.70 -5.98 8.73
N GLU A 20 24.26 -4.71 8.63
CA GLU A 20 22.85 -4.37 8.80
CA GLU A 20 22.86 -4.33 8.83
C GLU A 20 22.15 -3.79 7.58
N VAL A 21 20.84 -4.02 7.50
CA VAL A 21 19.97 -3.41 6.47
C VAL A 21 19.64 -1.99 6.91
N PRO A 22 19.95 -0.98 6.07
CA PRO A 22 19.69 0.42 6.47
C PRO A 22 18.18 0.66 6.54
N GLY A 23 17.78 1.57 7.43
CA GLY A 23 16.37 1.84 7.66
C GLY A 23 15.72 2.58 6.50
N MET A 24 14.39 2.56 6.48
CA MET A 24 13.61 3.27 5.46
C MET A 24 13.76 4.80 5.52
N ALA A 25 13.96 5.35 6.73
CA ALA A 25 13.87 6.81 6.92
C ALA A 25 14.85 7.63 6.09
N ASP A 26 16.11 7.19 6.01
CA ASP A 26 17.10 7.86 5.18
C ASP A 26 17.07 7.20 3.81
N GLU A 27 16.18 7.73 2.96
CA GLU A 27 15.93 7.19 1.63
C GLU A 27 17.19 7.20 0.75
N THR A 28 17.98 8.27 0.81
CA THR A 28 19.21 8.38 0.04
C THR A 28 20.21 7.27 0.37
N ALA A 29 20.45 7.05 1.66
CA ALA A 29 21.37 6.02 2.11
C ALA A 29 20.86 4.62 1.76
N LEU A 30 19.55 4.41 1.91
CA LEU A 30 18.96 3.12 1.52
C LEU A 30 19.13 2.87 0.02
N LEU A 31 18.76 3.85 -0.80
CA LEU A 31 18.94 3.77 -2.25
C LEU A 31 20.40 3.54 -2.64
N ASP A 32 21.32 4.27 -2.03
CA ASP A 32 22.75 4.07 -2.25
CA ASP A 32 22.75 4.05 -2.27
C ASP A 32 23.16 2.63 -1.92
N TRP A 33 22.73 2.13 -0.76
CA TRP A 33 23.09 0.76 -0.34
C TRP A 33 22.58 -0.30 -1.32
N LEU A 34 21.34 -0.11 -1.77
CA LEU A 34 20.68 -1.05 -2.70
C LEU A 34 21.44 -1.09 -4.03
N GLY A 35 22.00 0.07 -4.43
CA GLY A 35 22.84 0.20 -5.62
C GLY A 35 24.08 -0.68 -5.53
N THR A 36 24.79 -0.59 -4.41
CA THR A 36 26.00 -1.40 -4.16
C THR A 36 25.69 -2.90 -4.14
N MET A 37 24.51 -3.26 -3.63
CA MET A 37 24.10 -4.66 -3.61
C MET A 37 23.80 -5.21 -5.01
N ARG A 38 23.07 -4.46 -5.86
CA ARG A 38 22.74 -4.95 -7.19
C ARG A 38 24.04 -5.24 -7.91
N GLU A 39 24.99 -4.33 -7.69
CA GLU A 39 26.33 -4.38 -8.25
CA GLU A 39 26.31 -4.41 -8.28
C GLU A 39 27.17 -5.55 -7.71
N LYS A 40 27.25 -5.69 -6.39
CA LYS A 40 28.23 -6.59 -5.78
C LYS A 40 27.76 -7.83 -5.01
N GLN A 41 26.50 -7.84 -4.56
CA GLN A 41 25.99 -9.00 -3.86
C GLN A 41 24.49 -9.06 -4.13
N PRO A 42 24.09 -9.38 -5.39
CA PRO A 42 22.66 -9.24 -5.77
C PRO A 42 21.73 -10.21 -5.06
N VAL A 43 22.30 -11.28 -4.50
CA VAL A 43 21.54 -12.19 -3.62
C VAL A 43 22.33 -12.28 -2.32
N TRP A 44 21.75 -11.75 -1.25
CA TRP A 44 22.47 -11.59 0.00
C TRP A 44 21.71 -12.19 1.16
N GLN A 45 22.45 -12.89 2.01
CA GLN A 45 21.92 -13.48 3.24
C GLN A 45 22.35 -12.62 4.44
N ASP A 46 21.38 -12.13 5.21
CA ASP A 46 21.65 -11.26 6.35
C ASP A 46 21.92 -12.05 7.66
N ARG A 47 22.24 -11.33 8.72
CA ARG A 47 22.61 -11.99 9.97
C ARG A 47 21.51 -12.80 10.62
N TYR A 48 20.26 -12.59 10.20
CA TYR A 48 19.11 -13.33 10.71
CA TYR A 48 19.14 -13.36 10.73
C TYR A 48 18.73 -14.52 9.82
N GLY A 49 19.55 -14.79 8.80
CA GLY A 49 19.23 -15.87 7.83
C GLY A 49 18.10 -15.54 6.86
N VAL A 50 17.86 -14.25 6.62
CA VAL A 50 16.89 -13.79 5.61
C VAL A 50 17.66 -13.44 4.36
N TRP A 51 17.13 -13.87 3.22
CA TRP A 51 17.80 -13.72 1.93
C TRP A 51 17.20 -12.55 1.13
N HIS A 52 18.03 -11.58 0.74
CA HIS A 52 17.52 -10.45 0.01
C HIS A 52 17.85 -10.57 -1.46
N VAL A 53 16.92 -10.14 -2.28
CA VAL A 53 17.07 -10.23 -3.74
C VAL A 53 16.89 -8.83 -4.35
N PHE A 54 17.92 -8.33 -5.06
CA PHE A 54 18.06 -6.90 -5.41
C PHE A 54 17.80 -6.54 -6.89
N ARG A 55 17.99 -7.51 -7.77
CA ARG A 55 17.90 -7.23 -9.20
C ARG A 55 16.53 -7.49 -9.72
N HIS A 56 16.09 -6.61 -10.61
CA HIS A 56 14.78 -6.71 -11.24
C HIS A 56 14.50 -8.11 -11.82
N ALA A 57 15.45 -8.65 -12.58
CA ALA A 57 15.26 -9.98 -13.19
C ALA A 57 15.09 -11.11 -12.14
N ASP A 58 15.85 -11.04 -11.06
CA ASP A 58 15.78 -12.04 -9.99
C ASP A 58 14.51 -11.89 -9.16
N VAL A 59 14.13 -10.65 -8.87
CA VAL A 59 12.84 -10.37 -8.21
C VAL A 59 11.67 -10.97 -9.01
N GLN A 60 11.65 -10.73 -10.32
CA GLN A 60 10.62 -11.32 -11.18
C GLN A 60 10.59 -12.86 -11.10
N THR A 61 11.77 -13.46 -11.16
CA THR A 61 11.92 -14.92 -11.10
C THR A 61 11.25 -15.45 -9.83
N VAL A 62 11.58 -14.81 -8.72
CA VAL A 62 11.06 -15.26 -7.43
C VAL A 62 9.54 -15.11 -7.37
N LEU A 63 9.03 -13.94 -7.81
CA LEU A 63 7.61 -13.63 -7.70
C LEU A 63 6.77 -14.56 -8.58
N ARG A 64 7.35 -14.98 -9.69
CA ARG A 64 6.64 -15.88 -10.64
C ARG A 64 6.56 -17.32 -10.16
N ASP A 65 7.60 -17.77 -9.45
CA ASP A 65 7.70 -19.17 -9.05
C ASP A 65 7.13 -19.32 -7.66
N THR A 66 5.81 -19.46 -7.62
CA THR A 66 5.05 -19.64 -6.38
C THR A 66 5.27 -21.01 -5.74
N ALA A 67 5.52 -22.04 -6.57
CA ALA A 67 5.82 -23.39 -6.04
C ALA A 67 7.07 -23.37 -5.16
N THR A 68 8.12 -22.68 -5.61
CA THR A 68 9.36 -22.60 -4.82
C THR A 68 9.27 -21.52 -3.76
N PHE A 69 8.73 -20.37 -4.14
CA PHE A 69 8.74 -19.21 -3.24
C PHE A 69 7.32 -18.94 -2.80
N SER A 70 6.98 -19.62 -1.70
CA SER A 70 5.62 -19.60 -1.17
C SER A 70 5.32 -18.29 -0.45
N SER A 71 4.05 -17.89 -0.52
CA SER A 71 3.56 -16.72 0.19
C SER A 71 3.07 -17.00 1.61
N ASP A 72 3.19 -18.25 2.05
CA ASP A 72 2.77 -18.65 3.40
C ASP A 72 3.92 -18.63 4.40
N PRO A 73 3.98 -17.60 5.29
CA PRO A 73 5.08 -17.56 6.23
C PRO A 73 4.81 -18.30 7.55
N THR A 74 3.57 -18.78 7.75
CA THR A 74 3.22 -19.52 8.97
C THR A 74 3.62 -21.00 8.92
N ARG A 75 3.87 -21.52 7.72
CA ARG A 75 4.17 -22.93 7.52
C ARG A 75 5.35 -23.44 8.36
N VAL A 76 6.29 -22.55 8.67
CA VAL A 76 7.49 -22.91 9.44
C VAL A 76 7.43 -22.43 10.90
N ILE A 77 6.32 -21.82 11.28
CA ILE A 77 6.05 -21.47 12.69
C ILE A 77 4.92 -22.34 13.27
N GLU A 78 5.34 -23.19 14.21
N GLU A 78 5.21 -23.07 14.34
CA GLU A 78 4.64 -24.37 14.77
CA GLU A 78 4.17 -23.81 15.11
C GLU A 78 3.11 -24.49 14.67
C GLU A 78 2.71 -23.34 14.92
N GLY A 79 2.41 -23.68 15.44
N GLY A 79 2.30 -22.38 15.75
CA GLY A 79 0.94 -23.73 15.47
CA GLY A 79 0.99 -21.74 15.63
C GLY A 79 0.29 -22.48 14.92
C GLY A 79 -0.21 -22.53 15.13
N ALA A 80 1.04 -21.68 14.16
N ALA A 80 -0.96 -21.91 14.22
CA ALA A 80 0.48 -20.53 13.46
CA ALA A 80 -2.29 -22.42 13.83
C ALA A 80 -0.03 -20.97 12.08
C ALA A 80 -2.71 -22.06 12.38
N SER A 81 -1.14 -20.38 11.65
N SER A 81 -1.88 -21.30 11.66
CA SER A 81 -1.79 -20.74 10.39
CA SER A 81 -2.06 -21.14 10.20
C SER A 81 -2.26 -19.47 9.67
C SER A 81 -2.29 -19.70 9.68
N PRO A 82 -2.56 -19.55 8.36
CA PRO A 82 -3.02 -18.31 7.71
C PRO A 82 -4.29 -17.69 8.33
N THR A 83 -4.37 -16.36 8.29
CA THR A 83 -5.57 -15.64 8.69
C THR A 83 -6.67 -15.88 7.66
N PRO A 84 -7.80 -16.44 8.12
CA PRO A 84 -8.90 -16.73 7.19
C PRO A 84 -9.38 -15.48 6.47
N GLY A 85 -9.59 -15.59 5.17
CA GLY A 85 -10.07 -14.47 4.37
C GLY A 85 -8.97 -13.60 3.81
N MET A 86 -7.72 -13.93 4.15
CA MET A 86 -6.55 -13.18 3.65
C MET A 86 -5.93 -13.94 2.51
N ILE A 87 -5.92 -13.33 1.33
CA ILE A 87 -5.42 -13.99 0.14
C ILE A 87 -3.90 -13.89 -0.03
N HIS A 88 -3.25 -12.97 0.67
CA HIS A 88 -1.84 -12.68 0.43
C HIS A 88 -0.92 -13.70 1.11
N GLU A 89 -1.50 -14.55 1.94
CA GLU A 89 -0.76 -15.56 2.72
CA GLU A 89 -0.73 -15.56 2.71
C GLU A 89 -0.98 -16.97 2.21
N ILE A 90 -1.62 -17.08 1.05
CA ILE A 90 -1.96 -18.40 0.55
C ILE A 90 -1.50 -18.59 -0.87
N ASP A 91 -1.23 -19.84 -1.19
CA ASP A 91 -0.63 -20.25 -2.46
C ASP A 91 -1.65 -20.93 -3.39
N PRO A 92 -1.35 -21.01 -4.68
CA PRO A 92 -2.18 -21.82 -5.60
C PRO A 92 -2.19 -23.28 -5.12
N PRO A 93 -3.34 -23.99 -5.21
CA PRO A 93 -4.58 -23.59 -5.83
C PRO A 93 -5.55 -22.84 -4.94
N GLU A 94 -5.36 -22.83 -3.62
CA GLU A 94 -6.33 -22.20 -2.71
CA GLU A 94 -6.38 -22.22 -2.80
C GLU A 94 -6.43 -20.71 -3.02
N HIS A 95 -5.27 -20.12 -3.36
CA HIS A 95 -5.22 -18.70 -3.63
C HIS A 95 -6.23 -18.31 -4.74
N ARG A 96 -6.17 -18.99 -5.88
CA ARG A 96 -7.07 -18.68 -6.98
C ARG A 96 -8.54 -18.78 -6.55
N ALA A 97 -8.85 -19.79 -5.76
CA ALA A 97 -10.23 -20.04 -5.43
C ALA A 97 -10.78 -18.89 -4.56
N LEU A 98 -10.02 -18.49 -3.54
CA LEU A 98 -10.45 -17.39 -2.65
C LEU A 98 -10.46 -15.99 -3.30
N ARG A 99 -9.42 -15.66 -4.05
CA ARG A 99 -9.43 -14.40 -4.80
C ARG A 99 -10.60 -14.30 -5.80
N LYS A 100 -11.02 -15.44 -6.36
CA LYS A 100 -12.22 -15.48 -7.18
C LYS A 100 -13.50 -15.06 -6.41
N VAL A 101 -13.66 -15.61 -5.23
CA VAL A 101 -14.80 -15.29 -4.37
CA VAL A 101 -14.85 -15.28 -4.44
C VAL A 101 -14.84 -13.81 -3.97
N VAL A 102 -13.70 -13.32 -3.47
CA VAL A 102 -13.60 -11.92 -3.05
CA VAL A 102 -13.59 -11.93 -3.06
C VAL A 102 -13.78 -10.91 -4.21
N SER A 103 -13.19 -11.22 -5.37
N SER A 103 -13.22 -11.19 -5.39
CA SER A 103 -13.30 -10.37 -6.55
CA SER A 103 -13.33 -10.28 -6.55
C SER A 103 -14.71 -10.28 -7.07
C SER A 103 -14.67 -10.35 -7.26
N SER A 104 -15.48 -11.37 -6.96
CA SER A 104 -16.86 -11.36 -7.41
CA SER A 104 -16.89 -11.42 -7.34
C SER A 104 -17.72 -10.34 -6.64
N ALA A 105 -17.21 -9.91 -5.48
CA ALA A 105 -17.84 -8.91 -4.60
C ALA A 105 -17.17 -7.55 -4.80
N PHE A 106 -15.85 -7.55 -4.65
CA PHE A 106 -15.02 -6.37 -4.86
C PHE A 106 -14.68 -6.33 -6.35
N THR A 107 -15.59 -5.79 -7.17
CA THR A 107 -15.50 -5.92 -8.61
C THR A 107 -14.95 -4.65 -9.30
N PRO A 108 -14.47 -4.77 -10.56
CA PRO A 108 -13.94 -3.62 -11.28
C PRO A 108 -14.92 -2.46 -11.34
N ARG A 109 -16.20 -2.79 -11.60
CA ARG A 109 -17.23 -1.78 -11.70
C ARG A 109 -17.54 -1.12 -10.35
N THR A 110 -17.47 -1.89 -9.26
CA THR A 110 -17.62 -1.37 -7.88
C THR A 110 -16.62 -0.26 -7.60
N ILE A 111 -15.39 -0.45 -8.05
CA ILE A 111 -14.31 0.50 -7.79
C ILE A 111 -14.51 1.74 -8.68
N SER A 112 -14.68 1.53 -9.99
CA SER A 112 -14.80 2.67 -10.93
C SER A 112 -16.02 3.56 -10.63
N ASP A 113 -17.14 2.97 -10.24
CA ASP A 113 -18.33 3.71 -9.84
C ASP A 113 -18.06 4.69 -8.68
N LEU A 114 -16.97 4.46 -7.92
CA LEU A 114 -16.60 5.33 -6.78
C LEU A 114 -16.04 6.69 -7.17
N GLU A 115 -15.70 6.88 -8.44
CA GLU A 115 -15.02 8.13 -8.85
C GLU A 115 -15.74 9.42 -8.46
N PRO A 116 -17.04 9.56 -8.77
CA PRO A 116 -17.70 10.83 -8.37
C PRO A 116 -17.64 11.11 -6.84
N ARG A 117 -17.81 10.08 -6.03
CA ARG A 117 -17.75 10.31 -4.58
C ARG A 117 -16.34 10.63 -4.04
N ILE A 118 -15.34 9.92 -4.54
CA ILE A 118 -13.94 10.23 -4.18
C ILE A 118 -13.67 11.72 -4.51
N ARG A 119 -14.11 12.15 -5.69
CA ARG A 119 -13.91 13.54 -6.17
C ARG A 119 -14.64 14.52 -5.27
N ASP A 120 -15.86 14.16 -4.88
CA ASP A 120 -16.70 15.00 -4.05
C ASP A 120 -16.11 15.19 -2.67
N VAL A 121 -15.71 14.09 -2.06
CA VAL A 121 -15.11 14.14 -0.73
C VAL A 121 -13.79 14.93 -0.81
N THR A 122 -12.99 14.64 -1.82
CA THR A 122 -11.68 15.32 -2.00
C THR A 122 -11.88 16.82 -2.14
N ARG A 123 -12.79 17.21 -3.03
CA ARG A 123 -13.04 18.62 -3.32
C ARG A 123 -13.52 19.33 -2.07
N SER A 124 -14.46 18.71 -1.35
CA SER A 124 -14.90 19.27 -0.07
C SER A 124 -13.82 19.37 1.01
N LEU A 125 -13.01 18.33 1.20
CA LEU A 125 -11.95 18.40 2.18
C LEU A 125 -10.90 19.45 1.83
N LEU A 126 -10.52 19.55 0.57
CA LEU A 126 -9.53 20.58 0.16
C LEU A 126 -10.06 22.02 0.21
N ALA A 127 -11.37 22.19 0.06
CA ALA A 127 -11.94 23.55 0.03
C ALA A 127 -11.84 24.23 1.38
N ASP A 128 -11.72 23.44 2.43
CA ASP A 128 -11.61 24.01 3.78
C ASP A 128 -10.20 24.10 4.36
N ALA A 129 -9.23 23.57 3.62
N ALA A 129 -9.19 23.69 3.58
CA ALA A 129 -7.86 23.68 4.00
CA ALA A 129 -7.83 23.45 4.09
C ALA A 129 -7.47 25.10 3.63
C ALA A 129 -6.99 24.68 4.45
N GLY A 130 -6.81 25.78 4.56
N GLY A 130 -7.15 25.78 3.71
CA GLY A 130 -6.20 27.06 4.25
CA GLY A 130 -6.32 26.97 3.92
C GLY A 130 -5.12 26.86 3.19
C GLY A 130 -5.16 27.08 2.94
N GLU A 131 -4.01 27.55 3.42
CA GLU A 131 -2.90 27.75 2.51
CA GLU A 131 -2.87 27.81 2.54
C GLU A 131 -1.64 27.05 3.04
N SER A 132 -1.64 26.78 4.34
CA SER A 132 -0.59 26.02 4.98
C SER A 132 -1.32 24.94 5.77
N PHE A 133 -1.02 23.67 5.48
CA PHE A 133 -1.71 22.55 6.14
C PHE A 133 -0.96 21.21 6.02
N ASP A 134 -1.33 20.20 6.81
CA ASP A 134 -0.79 18.88 6.63
C ASP A 134 -1.63 18.11 5.59
N LEU A 135 -1.00 17.80 4.47
CA LEU A 135 -1.70 17.08 3.40
C LEU A 135 -2.30 15.74 3.91
N VAL A 136 -1.58 15.07 4.81
CA VAL A 136 -2.11 13.83 5.37
C VAL A 136 -3.32 14.07 6.28
N ASP A 137 -3.21 14.95 7.30
CA ASP A 137 -4.36 15.16 8.19
C ASP A 137 -5.56 15.67 7.43
N VAL A 138 -5.31 16.56 6.47
CA VAL A 138 -6.41 17.14 5.73
C VAL A 138 -7.07 16.16 4.76
N LEU A 139 -6.27 15.40 4.01
CA LEU A 139 -6.79 14.65 2.85
C LEU A 139 -6.47 13.18 2.83
N ALA A 140 -5.17 12.87 2.87
CA ALA A 140 -4.70 11.51 2.62
C ALA A 140 -5.15 10.53 3.69
N PHE A 141 -5.37 11.02 4.92
CA PHE A 141 -5.88 10.19 6.02
C PHE A 141 -7.43 10.04 5.97
N PRO A 142 -8.21 11.16 5.96
CA PRO A 142 -9.68 11.04 5.93
C PRO A 142 -10.28 10.48 4.62
N LEU A 143 -9.74 10.85 3.46
CA LEU A 143 -10.35 10.35 2.21
C LEU A 143 -10.52 8.83 2.14
N PRO A 144 -9.42 8.05 2.32
CA PRO A 144 -9.57 6.61 2.09
C PRO A 144 -10.46 5.95 3.12
N VAL A 145 -10.49 6.47 4.35
CA VAL A 145 -11.32 5.90 5.41
CA VAL A 145 -11.32 5.82 5.37
C VAL A 145 -12.80 6.12 5.09
N THR A 146 -13.09 7.34 4.67
CA THR A 146 -14.45 7.73 4.31
C THR A 146 -14.92 6.85 3.15
N ILE A 147 -14.10 6.75 2.11
CA ILE A 147 -14.46 5.95 0.93
C ILE A 147 -14.68 4.48 1.28
N VAL A 148 -13.74 3.85 1.99
CA VAL A 148 -13.87 2.42 2.34
C VAL A 148 -15.12 2.19 3.19
N ALA A 149 -15.31 3.06 4.17
CA ALA A 149 -16.46 2.99 5.06
C ALA A 149 -17.79 3.02 4.30
N GLU A 150 -17.93 3.98 3.38
CA GLU A 150 -19.09 4.01 2.51
C GLU A 150 -19.20 2.78 1.61
N LEU A 151 -18.09 2.37 1.02
CA LEU A 151 -18.08 1.18 0.19
C LEU A 151 -18.64 -0.02 0.99
N LEU A 152 -18.15 -0.15 2.22
CA LEU A 152 -18.58 -1.18 3.14
C LEU A 152 -20.02 -1.06 3.62
N GLY A 153 -20.60 0.13 3.53
CA GLY A 153 -21.97 0.36 3.95
C GLY A 153 -22.13 0.72 5.42
N LEU A 154 -21.12 1.35 5.99
CA LEU A 154 -21.16 1.64 7.43
C LEU A 154 -21.94 2.92 7.72
N PRO A 155 -22.75 2.93 8.80
CA PRO A 155 -23.51 4.13 9.14
C PRO A 155 -22.54 5.28 9.41
N PRO A 156 -22.81 6.49 8.86
CA PRO A 156 -21.88 7.60 9.03
C PRO A 156 -21.46 7.80 10.48
N MET A 157 -22.33 7.43 11.42
CA MET A 157 -22.02 7.63 12.84
CA MET A 157 -22.05 7.60 12.84
C MET A 157 -20.88 6.73 13.32
N ASP A 158 -20.57 5.66 12.56
CA ASP A 158 -19.52 4.71 12.93
C ASP A 158 -18.14 5.05 12.37
N HIS A 159 -18.10 6.03 11.47
CA HIS A 159 -16.90 6.31 10.66
C HIS A 159 -15.73 6.81 11.49
N GLU A 160 -16.01 7.59 12.53
CA GLU A 160 -14.95 8.19 13.30
C GLU A 160 -14.13 7.14 14.03
N GLN A 161 -14.81 6.20 14.67
CA GLN A 161 -14.17 5.09 15.38
C GLN A 161 -13.44 4.13 14.41
N PHE A 162 -14.05 3.92 13.24
CA PHE A 162 -13.44 3.13 12.20
C PHE A 162 -12.06 3.74 11.83
N GLY A 163 -12.02 5.03 11.53
CA GLY A 163 -10.77 5.75 11.22
C GLY A 163 -9.81 5.82 12.40
N ASP A 164 -10.33 5.92 13.62
CA ASP A 164 -9.52 5.86 14.85
C ASP A 164 -8.76 4.54 14.97
N TRP A 165 -9.44 3.42 14.71
CA TRP A 165 -8.79 2.11 14.71
C TRP A 165 -7.74 2.02 13.59
N SER A 166 -8.09 2.50 12.40
CA SER A 166 -7.19 2.42 11.25
C SER A 166 -5.93 3.27 11.48
N GLY A 167 -6.15 4.52 11.88
CA GLY A 167 -5.06 5.43 12.28
C GLY A 167 -4.13 4.82 13.32
N ALA A 168 -4.68 4.16 14.34
CA ALA A 168 -3.83 3.62 15.41
C ALA A 168 -2.93 2.54 14.87
N LEU A 169 -3.45 1.72 13.96
CA LEU A 169 -2.64 0.74 13.26
C LEU A 169 -1.59 1.38 12.35
N VAL A 170 -1.94 2.46 11.65
CA VAL A 170 -0.95 3.19 10.84
C VAL A 170 0.17 3.73 11.75
N ASP A 171 -0.21 4.36 12.86
CA ASP A 171 0.78 4.88 13.82
C ASP A 171 1.81 3.85 14.30
N ILE A 172 1.35 2.62 14.55
CA ILE A 172 2.20 1.49 14.97
C ILE A 172 3.34 1.20 13.97
N GLN A 173 3.09 1.48 12.69
CA GLN A 173 4.09 1.24 11.65
CA GLN A 173 4.06 1.28 11.60
C GLN A 173 5.22 2.26 11.68
N MET A 174 5.08 3.30 12.50
N MET A 174 5.07 3.28 12.53
CA MET A 174 6.20 4.19 12.75
CA MET A 174 6.13 4.24 12.82
C MET A 174 7.20 3.51 13.68
C MET A 174 7.07 3.69 13.90
N ASP A 175 6.73 2.52 14.43
CA ASP A 175 7.52 1.87 15.48
C ASP A 175 8.46 0.78 14.93
N ASP A 176 9.51 0.46 15.69
CA ASP A 176 10.43 -0.65 15.40
C ASP A 176 9.66 -1.99 15.36
N PRO A 177 9.72 -2.71 14.22
CA PRO A 177 9.05 -3.99 14.02
C PRO A 177 9.64 -5.13 14.86
N THR A 178 10.86 -4.93 15.36
CA THR A 178 11.49 -5.91 16.27
C THR A 178 11.18 -5.62 17.74
N ASP A 179 10.41 -4.57 18.01
CA ASP A 179 9.92 -4.31 19.37
C ASP A 179 9.00 -5.48 19.77
N PRO A 180 9.38 -6.23 20.83
CA PRO A 180 8.67 -7.48 21.12
C PRO A 180 7.21 -7.28 21.54
N ALA A 181 6.83 -6.04 21.78
CA ALA A 181 5.44 -5.72 22.07
C ALA A 181 4.59 -5.39 20.84
N LEU A 182 5.19 -5.38 19.64
CA LEU A 182 4.47 -5.00 18.42
CA LEU A 182 4.47 -5.01 18.41
C LEU A 182 3.18 -5.81 18.23
N ALA A 183 3.32 -7.13 18.28
CA ALA A 183 2.23 -8.07 18.01
C ALA A 183 1.04 -7.81 18.91
N GLU A 184 1.34 -7.55 20.19
CA GLU A 184 0.33 -7.27 21.20
CA GLU A 184 0.30 -7.31 21.16
C GLU A 184 -0.38 -5.94 20.96
N ARG A 185 0.40 -4.91 20.62
CA ARG A 185 -0.17 -3.59 20.31
CA ARG A 185 -0.19 -3.60 20.32
C ARG A 185 -1.11 -3.65 19.09
N ILE A 186 -0.68 -4.38 18.06
CA ILE A 186 -1.54 -4.61 16.89
C ILE A 186 -2.85 -5.30 17.31
N ALA A 187 -2.73 -6.36 18.11
CA ALA A 187 -3.90 -7.08 18.59
C ALA A 187 -4.91 -6.20 19.33
N ASP A 188 -4.44 -5.23 20.11
CA ASP A 188 -5.37 -4.44 20.92
C ASP A 188 -6.23 -3.47 20.14
N VAL A 189 -5.87 -3.27 18.87
CA VAL A 189 -6.63 -2.42 17.96
C VAL A 189 -7.35 -3.27 16.93
N LEU A 190 -6.67 -4.29 16.43
CA LEU A 190 -7.22 -5.16 15.41
C LEU A 190 -8.39 -5.97 15.96
N ASN A 191 -8.30 -6.39 17.22
CA ASN A 191 -9.39 -7.16 17.83
C ASN A 191 -10.75 -6.46 17.80
N PRO A 192 -10.88 -5.27 18.43
CA PRO A 192 -12.15 -4.55 18.33
C PRO A 192 -12.57 -4.17 16.89
N LEU A 193 -11.61 -3.84 16.05
CA LEU A 193 -11.91 -3.48 14.65
C LEU A 193 -12.52 -4.68 13.92
N THR A 194 -11.92 -5.84 14.14
CA THR A 194 -12.33 -7.08 13.50
C THR A 194 -13.67 -7.52 14.07
N ALA A 195 -13.82 -7.44 15.40
CA ALA A 195 -15.09 -7.70 16.07
C ALA A 195 -16.20 -6.88 15.43
N TYR A 196 -15.98 -5.57 15.29
CA TYR A 196 -16.95 -4.65 14.67
C TYR A 196 -17.38 -5.07 13.28
N LEU A 197 -16.40 -5.44 12.45
CA LEU A 197 -16.72 -5.77 11.07
C LEU A 197 -17.47 -7.09 11.01
N LYS A 198 -17.08 -8.04 11.86
CA LYS A 198 -17.72 -9.36 11.93
C LYS A 198 -19.18 -9.20 12.29
N ALA A 199 -19.47 -8.30 13.23
CA ALA A 199 -20.86 -7.96 13.59
C ALA A 199 -21.62 -7.31 12.43
N ARG A 200 -20.94 -6.54 11.57
CA ARG A 200 -21.63 -5.94 10.42
CA ARG A 200 -21.63 -5.94 10.44
C ARG A 200 -21.92 -7.02 9.38
N CYS A 201 -21.01 -7.99 9.25
CA CYS A 201 -21.21 -9.10 8.34
C CYS A 201 -22.45 -9.91 8.77
N ALA A 202 -22.57 -10.18 10.06
CA ALA A 202 -23.77 -10.86 10.58
C ALA A 202 -25.04 -10.08 10.21
N GLU A 203 -24.98 -8.75 10.31
CA GLU A 203 -26.10 -7.86 10.05
C GLU A 203 -26.52 -7.91 8.60
N ARG A 204 -25.55 -7.83 7.69
CA ARG A 204 -25.88 -7.93 6.26
C ARG A 204 -26.41 -9.31 5.91
N ARG A 205 -25.95 -10.33 6.63
CA ARG A 205 -26.44 -11.69 6.40
C ARG A 205 -27.94 -11.74 6.74
N ALA A 206 -28.35 -11.04 7.80
CA ALA A 206 -29.76 -11.01 8.19
C ALA A 206 -30.61 -10.23 7.19
N ASP A 207 -30.02 -9.19 6.61
CA ASP A 207 -30.72 -8.27 5.71
CA ASP A 207 -30.72 -8.36 5.60
C ASP A 207 -29.72 -7.70 4.66
N PRO A 208 -29.45 -8.41 3.54
CA PRO A 208 -28.41 -7.98 2.59
C PRO A 208 -28.88 -6.83 1.73
N GLY A 209 -27.98 -5.89 1.47
CA GLY A 209 -28.25 -4.78 0.56
C GLY A 209 -27.25 -4.87 -0.58
N ASP A 210 -26.83 -3.72 -1.10
N ASP A 210 -26.92 -3.74 -1.19
CA ASP A 210 -25.88 -3.70 -2.21
CA ASP A 210 -25.80 -3.74 -2.14
C ASP A 210 -24.45 -3.30 -1.83
C ASP A 210 -24.75 -2.73 -1.71
N ASP A 211 -24.21 -3.02 -0.55
CA ASP A 211 -22.91 -2.53 -0.10
C ASP A 211 -21.92 -3.70 -0.23
N LEU A 212 -20.63 -3.42 -0.03
CA LEU A 212 -19.65 -4.46 -0.21
C LEU A 212 -19.78 -5.58 0.82
N ILE A 213 -20.15 -5.27 2.06
CA ILE A 213 -20.21 -6.38 3.05
C ILE A 213 -21.32 -7.35 2.64
N SER A 214 -22.43 -6.81 2.16
CA SER A 214 -23.55 -7.62 1.67
C SER A 214 -23.08 -8.49 0.48
N ARG A 215 -22.32 -7.91 -0.46
CA ARG A 215 -21.84 -8.68 -1.61
CA ARG A 215 -21.79 -8.66 -1.61
C ARG A 215 -20.88 -9.78 -1.14
N LEU A 216 -20.06 -9.46 -0.13
CA LEU A 216 -19.11 -10.46 0.44
C LEU A 216 -19.81 -11.68 1.04
N VAL A 217 -20.83 -11.46 1.86
CA VAL A 217 -21.54 -12.59 2.51
C VAL A 217 -22.40 -13.41 1.52
N LEU A 218 -22.76 -12.77 0.41
CA LEU A 218 -23.61 -13.40 -0.61
CA LEU A 218 -23.61 -13.39 -0.63
C LEU A 218 -22.79 -14.11 -1.70
N ALA A 219 -21.52 -13.71 -1.83
CA ALA A 219 -20.64 -14.27 -2.85
C ALA A 219 -20.43 -15.75 -2.72
N GLU A 220 -20.38 -16.43 -3.86
CA GLU A 220 -20.08 -17.86 -3.93
C GLU A 220 -19.57 -18.22 -5.31
N VAL A 221 -18.38 -18.80 -5.38
CA VAL A 221 -17.81 -19.21 -6.66
C VAL A 221 -17.34 -20.62 -6.50
N ASP A 222 -17.81 -21.51 -7.40
CA ASP A 222 -17.53 -22.94 -7.31
C ASP A 222 -17.85 -23.50 -5.92
N GLY A 223 -19.02 -23.16 -5.40
CA GLY A 223 -19.46 -23.62 -4.07
C GLY A 223 -18.74 -23.05 -2.86
N ARG A 224 -17.67 -22.28 -3.08
CA ARG A 224 -16.93 -21.59 -2.01
C ARG A 224 -17.58 -20.25 -1.64
N ALA A 225 -18.00 -20.17 -0.37
CA ALA A 225 -18.59 -18.98 0.24
C ALA A 225 -17.72 -18.52 1.41
N LEU A 226 -17.84 -17.25 1.77
CA LEU A 226 -17.11 -16.67 2.88
C LEU A 226 -17.94 -16.69 4.16
N ASP A 227 -17.36 -17.09 5.29
CA ASP A 227 -18.00 -16.88 6.60
C ASP A 227 -17.70 -15.47 7.13
N ASP A 228 -18.36 -15.07 8.21
CA ASP A 228 -18.27 -13.71 8.71
C ASP A 228 -16.83 -13.41 9.10
N GLU A 229 -16.14 -14.40 9.63
CA GLU A 229 -14.71 -14.24 9.96
C GLU A 229 -13.89 -13.88 8.73
N GLU A 230 -14.00 -14.69 7.67
CA GLU A 230 -13.31 -14.39 6.41
C GLU A 230 -13.70 -13.05 5.76
N ALA A 231 -15.00 -12.75 5.70
CA ALA A 231 -15.51 -11.48 5.15
C ALA A 231 -14.97 -10.25 5.92
N ALA A 232 -14.98 -10.34 7.24
CA ALA A 232 -14.52 -9.24 8.11
C ALA A 232 -13.02 -9.00 7.98
N ASN A 233 -12.25 -10.10 7.92
CA ASN A 233 -10.80 -10.01 7.68
C ASN A 233 -10.47 -9.35 6.37
N PHE A 234 -11.08 -9.81 5.28
CA PHE A 234 -10.95 -9.09 4.01
C PHE A 234 -11.33 -7.60 4.04
N SER A 235 -12.43 -7.27 4.72
CA SER A 235 -12.86 -5.88 4.88
C SER A 235 -11.82 -5.11 5.68
N THR A 236 -11.24 -5.77 6.69
CA THR A 236 -10.18 -5.13 7.46
C THR A 236 -8.97 -4.80 6.56
N ALA A 237 -8.58 -5.74 5.70
CA ALA A 237 -7.45 -5.52 4.79
C ALA A 237 -7.74 -4.35 3.84
N LEU A 238 -8.99 -4.23 3.40
CA LEU A 238 -9.36 -3.13 2.51
CA LEU A 238 -9.37 -3.14 2.51
C LEU A 238 -9.21 -1.79 3.20
N LEU A 239 -9.66 -1.71 4.44
CA LEU A 239 -9.54 -0.47 5.21
C LEU A 239 -8.06 -0.06 5.31
N LEU A 240 -7.26 -0.97 5.85
CA LEU A 240 -5.88 -0.68 6.18
CA LEU A 240 -5.88 -0.65 6.17
C LEU A 240 -5.04 -0.42 4.92
N ALA A 241 -5.32 -1.19 3.87
CA ALA A 241 -4.65 -1.00 2.57
C ALA A 241 -4.88 0.38 2.00
N GLY A 242 -6.14 0.79 1.90
CA GLY A 242 -6.52 2.12 1.35
C GLY A 242 -5.95 3.25 2.21
N HIS A 243 -6.04 3.06 3.52
CA HIS A 243 -5.61 4.10 4.45
C HIS A 243 -4.10 4.36 4.37
N ILE A 244 -3.30 3.34 4.65
CA ILE A 244 -1.84 3.45 4.62
C ILE A 244 -1.33 3.84 3.24
N THR A 245 -1.88 3.22 2.20
CA THR A 245 -1.32 3.48 0.87
C THR A 245 -1.69 4.84 0.31
N THR A 246 -2.88 5.36 0.60
CA THR A 246 -3.18 6.71 0.12
C THR A 246 -2.32 7.72 0.89
N THR A 247 -2.17 7.50 2.19
CA THR A 247 -1.28 8.35 2.99
C THR A 247 0.14 8.43 2.40
N VAL A 248 0.70 7.28 2.04
CA VAL A 248 2.09 7.17 1.61
C VAL A 248 2.25 7.63 0.16
N LEU A 249 1.44 7.08 -0.72
CA LEU A 249 1.62 7.38 -2.17
C LEU A 249 1.33 8.87 -2.46
N LEU A 250 0.24 9.40 -1.90
CA LEU A 250 -0.11 10.80 -2.16
C LEU A 250 0.98 11.76 -1.64
N GLY A 251 1.48 11.50 -0.43
CA GLY A 251 2.68 12.21 0.09
C GLY A 251 3.89 12.09 -0.86
N ASN A 252 4.11 10.88 -1.37
CA ASN A 252 5.23 10.64 -2.28
C ASN A 252 5.02 11.39 -3.60
N ILE A 253 3.77 11.42 -4.04
CA ILE A 253 3.41 12.17 -5.27
C ILE A 253 3.79 13.64 -5.14
N VAL A 254 3.37 14.27 -4.03
CA VAL A 254 3.63 15.69 -3.83
C VAL A 254 5.10 15.99 -3.60
N ARG A 255 5.79 15.19 -2.76
CA ARG A 255 7.24 15.30 -2.57
C ARG A 255 8.03 15.18 -3.87
N THR A 256 7.66 14.21 -4.68
CA THR A 256 8.37 13.99 -5.96
C THR A 256 8.11 15.13 -6.97
N LEU A 257 6.84 15.52 -7.13
CA LEU A 257 6.52 16.69 -7.98
C LEU A 257 7.21 17.97 -7.52
N ASP A 258 7.32 18.13 -6.18
CA ASP A 258 7.98 19.30 -5.59
C ASP A 258 9.49 19.34 -5.91
N GLU A 259 10.07 18.18 -6.14
CA GLU A 259 11.46 18.04 -6.58
C GLU A 259 11.60 18.23 -8.09
N HIS A 260 10.50 18.12 -8.82
CA HIS A 260 10.47 18.35 -10.27
C HIS A 260 9.28 19.23 -10.65
N PRO A 261 9.29 20.49 -10.17
CA PRO A 261 8.06 21.27 -10.13
C PRO A 261 7.44 21.66 -11.48
N ALA A 262 8.21 21.57 -12.56
CA ALA A 262 7.69 21.82 -13.92
C ALA A 262 6.48 20.96 -14.29
N HIS A 263 6.45 19.73 -13.76
CA HIS A 263 5.31 18.80 -13.97
C HIS A 263 3.95 19.30 -13.44
N TRP A 264 3.96 20.20 -12.46
CA TRP A 264 2.75 20.77 -11.91
C TRP A 264 2.06 21.55 -13.02
N ASP A 265 2.82 22.40 -13.72
CA ASP A 265 2.25 23.18 -14.82
C ASP A 265 1.82 22.29 -15.97
N ALA A 266 2.68 21.34 -16.32
CA ALA A 266 2.39 20.34 -17.32
C ALA A 266 1.05 19.60 -17.05
N ALA A 267 0.87 19.13 -15.82
CA ALA A 267 -0.38 18.45 -15.45
C ALA A 267 -1.56 19.45 -15.40
N ALA A 268 -1.31 20.72 -15.03
CA ALA A 268 -2.42 21.72 -15.01
C ALA A 268 -2.92 21.96 -16.42
N GLU A 269 -1.99 22.05 -17.37
CA GLU A 269 -2.39 22.30 -18.74
CA GLU A 269 -2.31 22.25 -18.79
C GLU A 269 -3.06 21.07 -19.39
N ASP A 270 -2.63 19.85 -19.03
CA ASP A 270 -3.21 18.61 -19.54
C ASP A 270 -3.33 17.58 -18.40
N PRO A 271 -4.51 17.53 -17.78
CA PRO A 271 -4.70 16.61 -16.65
C PRO A 271 -4.57 15.14 -17.06
N GLY A 272 -4.63 14.88 -18.37
CA GLY A 272 -4.48 13.53 -18.89
C GLY A 272 -3.07 12.98 -18.67
N ARG A 273 -2.15 13.87 -18.30
CA ARG A 273 -0.77 13.51 -17.95
CA ARG A 273 -0.79 13.42 -17.99
C ARG A 273 -0.67 12.84 -16.57
N ILE A 274 -1.73 12.94 -15.78
CA ILE A 274 -1.65 12.51 -14.38
C ILE A 274 -1.49 11.00 -14.14
N PRO A 275 -2.21 10.14 -14.91
CA PRO A 275 -1.96 8.72 -14.67
C PRO A 275 -0.48 8.31 -14.86
N ALA A 276 0.22 8.84 -15.87
CA ALA A 276 1.67 8.55 -16.04
C ALA A 276 2.49 9.05 -14.85
N ILE A 277 2.11 10.21 -14.32
CA ILE A 277 2.82 10.75 -13.14
C ILE A 277 2.66 9.75 -11.99
N VAL A 278 1.43 9.31 -11.78
CA VAL A 278 1.16 8.31 -10.74
C VAL A 278 2.01 7.06 -10.89
N GLU A 279 2.10 6.51 -12.12
CA GLU A 279 2.90 5.31 -12.36
C GLU A 279 4.37 5.56 -12.10
N GLU A 280 4.85 6.73 -12.50
CA GLU A 280 6.25 7.03 -12.31
C GLU A 280 6.58 7.30 -10.83
N VAL A 281 5.66 7.88 -10.10
CA VAL A 281 5.88 8.01 -8.64
C VAL A 281 5.90 6.63 -7.96
N LEU A 282 4.92 5.76 -8.24
CA LEU A 282 5.01 4.34 -7.89
C LEU A 282 6.35 3.66 -8.18
N ARG A 283 6.88 3.86 -9.39
CA ARG A 283 8.16 3.27 -9.69
C ARG A 283 9.25 3.87 -8.81
N TYR A 284 9.25 5.18 -8.76
CA TYR A 284 10.35 5.93 -8.18
C TYR A 284 10.39 5.80 -6.66
N ARG A 285 9.21 5.82 -6.04
CA ARG A 285 9.03 5.78 -4.57
C ARG A 285 7.87 4.84 -4.20
N PRO A 286 8.09 3.53 -4.42
CA PRO A 286 7.04 2.52 -4.13
C PRO A 286 6.69 2.58 -2.64
N PRO A 287 5.38 2.71 -2.32
CA PRO A 287 4.98 2.64 -0.91
C PRO A 287 5.56 1.43 -0.14
N PHE A 288 5.61 0.25 -0.76
CA PHE A 288 6.25 -0.94 -0.19
C PHE A 288 7.53 -1.34 -0.93
N PRO A 289 8.69 -0.97 -0.38
CA PRO A 289 9.96 -1.36 -1.00
C PRO A 289 10.26 -2.86 -1.07
N GLN A 290 9.62 -3.67 -0.21
CA GLN A 290 9.94 -5.10 -0.17
CA GLN A 290 9.93 -5.11 -0.19
C GLN A 290 8.69 -5.97 0.00
N MET A 291 8.79 -7.22 -0.43
CA MET A 291 7.78 -8.26 -0.23
C MET A 291 8.53 -9.50 0.25
N GLN A 292 7.84 -10.42 0.94
CA GLN A 292 8.52 -11.59 1.46
CA GLN A 292 8.47 -11.60 1.53
C GLN A 292 7.94 -12.88 0.92
N ARG A 293 8.79 -13.89 0.82
CA ARG A 293 8.42 -15.24 0.37
C ARG A 293 9.19 -16.20 1.29
N THR A 294 8.77 -17.47 1.30
CA THR A 294 9.47 -18.54 1.99
C THR A 294 9.79 -19.66 0.99
N THR A 295 11.05 -20.09 0.96
CA THR A 295 11.42 -21.22 0.10
C THR A 295 10.75 -22.52 0.60
N THR A 296 10.30 -23.33 -0.35
CA THR A 296 9.65 -24.59 0.00
C THR A 296 10.59 -25.79 -0.18
N LYS A 297 11.79 -25.49 -0.69
CA LYS A 297 12.73 -26.51 -1.08
C LYS A 297 14.07 -25.79 -1.36
N ALA A 298 15.16 -26.54 -1.31
CA ALA A 298 16.49 -26.06 -1.74
C ALA A 298 16.34 -25.46 -3.12
N THR A 299 16.87 -24.25 -3.32
CA THR A 299 16.71 -23.58 -4.63
C THR A 299 17.91 -22.68 -4.90
N GLU A 300 17.85 -21.93 -6.00
CA GLU A 300 18.93 -21.02 -6.41
CA GLU A 300 18.92 -21.04 -6.44
C GLU A 300 18.32 -19.75 -6.97
N VAL A 301 18.98 -18.62 -6.73
CA VAL A 301 18.58 -17.39 -7.40
C VAL A 301 19.87 -16.88 -7.99
N ALA A 302 19.91 -16.74 -9.30
CA ALA A 302 21.07 -16.20 -9.99
C ALA A 302 22.34 -16.95 -9.56
N GLY A 303 22.25 -18.28 -9.55
CA GLY A 303 23.40 -19.13 -9.26
C GLY A 303 23.77 -19.27 -7.79
N VAL A 304 23.05 -18.58 -6.91
CA VAL A 304 23.37 -18.53 -5.47
C VAL A 304 22.44 -19.49 -4.73
N PRO A 305 22.99 -20.49 -3.99
CA PRO A 305 22.15 -21.54 -3.40
C PRO A 305 21.47 -21.03 -2.12
N ILE A 306 20.20 -21.36 -2.00
CA ILE A 306 19.37 -20.92 -0.93
C ILE A 306 18.70 -22.18 -0.40
N PRO A 307 18.77 -22.37 0.93
CA PRO A 307 18.24 -23.60 1.40
C PRO A 307 16.73 -23.54 1.52
N ALA A 308 16.14 -24.69 1.83
CA ALA A 308 14.70 -24.83 2.07
C ALA A 308 14.26 -24.08 3.32
N ASP A 309 13.00 -23.63 3.33
CA ASP A 309 12.31 -23.13 4.55
C ASP A 309 12.89 -21.86 5.15
N VAL A 310 13.44 -20.99 4.33
CA VAL A 310 13.97 -19.73 4.81
C VAL A 310 13.26 -18.58 4.08
N MET A 311 13.30 -17.40 4.68
CA MET A 311 12.60 -16.24 4.14
CA MET A 311 12.60 -16.23 4.14
C MET A 311 13.48 -15.53 3.12
N VAL A 312 12.81 -15.10 2.06
CA VAL A 312 13.41 -14.37 0.97
C VAL A 312 12.69 -13.01 0.82
N ASN A 313 13.48 -11.95 0.74
CA ASN A 313 12.96 -10.60 0.62
CA ASN A 313 12.96 -10.61 0.59
C ASN A 313 13.22 -10.08 -0.79
N THR A 314 12.14 -9.75 -1.51
CA THR A 314 12.28 -9.17 -2.84
C THR A 314 12.18 -7.66 -2.75
N TRP A 315 13.27 -6.98 -3.08
CA TRP A 315 13.32 -5.53 -2.98
C TRP A 315 12.78 -4.87 -4.24
N VAL A 316 11.46 -4.65 -4.25
CA VAL A 316 10.79 -3.83 -5.29
C VAL A 316 11.48 -2.47 -5.52
N LEU A 317 11.85 -1.82 -4.43
CA LEU A 317 12.57 -0.55 -4.52
C LEU A 317 13.85 -0.66 -5.35
N SER A 318 14.63 -1.73 -5.14
CA SER A 318 15.90 -1.92 -5.85
C SER A 318 15.64 -2.28 -7.31
N ALA A 319 14.66 -3.13 -7.54
CA ALA A 319 14.29 -3.55 -8.87
C ALA A 319 13.82 -2.37 -9.73
N ASN A 320 13.05 -1.47 -9.13
CA ASN A 320 12.54 -0.28 -9.81
C ASN A 320 13.66 0.70 -10.16
N ARG A 321 14.80 0.59 -9.47
CA ARG A 321 15.97 1.46 -9.73
C ARG A 321 17.11 0.74 -10.46
N ASP A 322 16.79 -0.44 -10.97
CA ASP A 322 17.75 -1.33 -11.63
C ASP A 322 17.87 -0.89 -13.08
N SER A 323 19.09 -0.47 -13.49
CA SER A 323 19.31 0.02 -14.85
C SER A 323 19.16 -1.04 -15.94
N ASP A 324 19.16 -2.33 -15.56
CA ASP A 324 18.91 -3.41 -16.55
C ASP A 324 17.45 -3.49 -16.90
N ALA A 325 16.61 -2.93 -16.04
CA ALA A 325 15.18 -2.92 -16.29
C ALA A 325 14.64 -1.56 -16.71
N HIS A 326 15.34 -0.47 -16.32
CA HIS A 326 14.85 0.86 -16.59
C HIS A 326 16.03 1.75 -16.98
N ASP A 327 15.94 2.35 -18.16
CA ASP A 327 16.95 3.32 -18.56
C ASP A 327 16.97 4.51 -17.65
N ASP A 328 18.17 5.01 -17.37
CA ASP A 328 18.38 6.15 -16.47
C ASP A 328 17.42 5.99 -15.30
N PRO A 329 17.60 4.91 -14.51
CA PRO A 329 16.63 4.44 -13.52
C PRO A 329 16.37 5.47 -12.40
N ASP A 330 17.33 6.35 -12.11
CA ASP A 330 17.15 7.35 -11.06
C ASP A 330 16.60 8.69 -11.58
N ARG A 331 16.22 8.75 -12.85
CA ARG A 331 15.57 9.94 -13.39
CA ARG A 331 15.57 9.93 -13.39
C ARG A 331 14.06 9.83 -13.17
N PHE A 332 13.49 10.84 -12.53
CA PHE A 332 12.03 10.98 -12.49
C PHE A 332 11.53 11.42 -13.85
N ASP A 333 10.87 10.51 -14.54
CA ASP A 333 10.45 10.75 -15.92
C ASP A 333 9.10 10.07 -16.20
N PRO A 334 7.98 10.78 -15.97
CA PRO A 334 6.64 10.24 -16.30
C PRO A 334 6.47 9.81 -17.76
N SER A 335 7.34 10.25 -18.67
CA SER A 335 7.18 9.90 -20.10
C SER A 335 7.48 8.45 -20.44
N ARG A 336 8.15 7.73 -19.53
CA ARG A 336 8.39 6.30 -19.64
C ARG A 336 7.12 5.52 -19.97
N LYS A 337 7.32 4.39 -20.64
CA LYS A 337 6.25 3.40 -20.76
CA LYS A 337 6.32 3.31 -20.77
C LYS A 337 5.93 2.89 -19.38
N SER A 338 4.62 2.82 -19.12
CA SER A 338 4.17 2.48 -17.80
C SER A 338 2.73 2.07 -17.88
N GLY A 339 2.26 1.49 -16.78
CA GLY A 339 0.85 1.18 -16.62
C GLY A 339 0.69 -0.31 -16.67
N GLY A 340 -0.48 -0.77 -16.25
CA GLY A 340 -0.81 -2.17 -16.33
C GLY A 340 -0.09 -3.04 -15.31
N ALA A 341 0.07 -4.30 -15.71
CA ALA A 341 0.49 -5.39 -14.86
C ALA A 341 1.98 -5.34 -14.60
N ALA A 342 2.66 -4.52 -15.38
CA ALA A 342 4.11 -4.35 -15.31
C ALA A 342 4.52 -3.38 -14.20
N GLN A 343 3.54 -2.79 -13.53
CA GLN A 343 3.82 -1.92 -12.37
C GLN A 343 4.26 -2.78 -11.18
N LEU A 344 5.57 -2.96 -11.04
CA LEU A 344 6.12 -3.86 -10.01
C LEU A 344 5.79 -3.41 -8.57
N SER A 345 5.48 -2.12 -8.42
CA SER A 345 5.13 -1.58 -7.10
C SER A 345 3.82 -2.15 -6.56
N PHE A 346 3.06 -2.77 -7.45
CA PHE A 346 1.83 -3.49 -7.06
C PHE A 346 2.12 -5.02 -6.99
N GLY A 347 3.41 -5.38 -7.03
CA GLY A 347 3.86 -6.76 -7.12
C GLY A 347 3.91 -7.27 -8.55
N HIS A 348 3.81 -8.59 -8.71
CA HIS A 348 3.96 -9.27 -10.00
C HIS A 348 3.41 -10.68 -9.91
N GLY A 349 2.54 -11.01 -10.85
CA GLY A 349 2.01 -12.36 -10.96
C GLY A 349 0.67 -12.51 -10.30
N VAL A 350 0.42 -13.68 -9.73
CA VAL A 350 -0.93 -14.04 -9.28
C VAL A 350 -1.37 -13.25 -8.03
N HIS A 351 -0.40 -12.70 -7.28
CA HIS A 351 -0.73 -11.84 -6.13
C HIS A 351 -0.70 -10.34 -6.44
N PHE A 352 -0.54 -9.99 -7.72
CA PHE A 352 -0.63 -8.58 -8.20
C PHE A 352 -1.79 -7.86 -7.53
N CYS A 353 -1.50 -6.71 -6.93
CA CYS A 353 -2.45 -6.05 -6.02
C CYS A 353 -3.91 -6.04 -6.48
N LEU A 354 -4.79 -6.66 -5.67
CA LEU A 354 -6.23 -6.65 -5.93
C LEU A 354 -6.80 -5.23 -5.88
N GLY A 355 -6.16 -4.35 -5.12
CA GLY A 355 -6.63 -3.01 -5.07
C GLY A 355 -6.01 -2.04 -6.06
N ALA A 356 -5.21 -2.51 -7.03
CA ALA A 356 -4.53 -1.59 -7.92
C ALA A 356 -5.46 -0.56 -8.59
N PRO A 357 -6.65 -0.99 -9.08
CA PRO A 357 -7.56 -0.03 -9.69
C PRO A 357 -8.04 1.05 -8.73
N LEU A 358 -8.22 0.71 -7.45
CA LEU A 358 -8.68 1.69 -6.48
C LEU A 358 -7.58 2.68 -6.12
N ALA A 359 -6.37 2.17 -5.92
CA ALA A 359 -5.18 2.98 -5.68
C ALA A 359 -4.97 3.96 -6.81
N ARG A 360 -5.00 3.46 -8.04
CA ARG A 360 -4.77 4.32 -9.20
C ARG A 360 -5.85 5.38 -9.31
N LEU A 361 -7.11 4.98 -9.11
CA LEU A 361 -8.21 5.92 -9.14
C LEU A 361 -8.13 6.99 -8.03
N GLU A 362 -7.97 6.57 -6.76
CA GLU A 362 -8.00 7.50 -5.62
CA GLU A 362 -8.04 7.53 -5.67
C GLU A 362 -6.88 8.55 -5.70
N ASN A 363 -5.69 8.11 -6.03
CA ASN A 363 -4.57 9.03 -6.11
C ASN A 363 -4.57 9.93 -7.35
N ARG A 364 -5.10 9.44 -8.47
CA ARG A 364 -5.39 10.33 -9.63
C ARG A 364 -6.41 11.43 -9.30
N VAL A 365 -7.56 11.04 -8.75
CA VAL A 365 -8.56 12.03 -8.38
C VAL A 365 -7.95 13.01 -7.39
N ALA A 366 -7.22 12.50 -6.40
CA ALA A 366 -6.67 13.41 -5.37
C ALA A 366 -5.72 14.40 -6.01
N LEU A 367 -4.92 13.95 -6.97
CA LEU A 367 -3.95 14.86 -7.58
C LEU A 367 -4.69 15.83 -8.51
N GLU A 368 -5.68 15.32 -9.25
CA GLU A 368 -6.51 16.21 -10.09
C GLU A 368 -7.10 17.36 -9.27
N GLU A 369 -7.61 17.04 -8.09
CA GLU A 369 -8.25 18.02 -7.27
C GLU A 369 -7.26 19.01 -6.65
N ILE A 370 -6.08 18.52 -6.30
CA ILE A 370 -5.02 19.42 -5.76
C ILE A 370 -4.69 20.47 -6.79
N ILE A 371 -4.44 20.01 -8.01
CA ILE A 371 -4.06 20.89 -9.08
C ILE A 371 -5.16 21.86 -9.42
N ALA A 372 -6.41 21.34 -9.48
CA ALA A 372 -7.60 22.15 -9.75
C ALA A 372 -7.76 23.33 -8.82
N ARG A 373 -7.56 23.10 -7.53
CA ARG A 373 -7.74 24.17 -6.56
C ARG A 373 -6.47 25.05 -6.42
N PHE A 374 -5.29 24.43 -6.32
CA PHE A 374 -4.05 25.12 -5.92
C PHE A 374 -3.04 25.34 -7.04
N GLY A 375 -3.19 24.60 -8.13
CA GLY A 375 -2.15 24.57 -9.17
C GLY A 375 -0.92 23.74 -8.82
N ARG A 376 -0.48 23.83 -7.57
CA ARG A 376 0.68 23.11 -7.09
C ARG A 376 0.68 23.17 -5.55
N LEU A 377 1.46 22.30 -4.93
CA LEU A 377 1.82 22.41 -3.49
C LEU A 377 3.34 22.25 -3.35
N THR A 378 3.92 22.80 -2.29
CA THR A 378 5.32 22.52 -1.96
CA THR A 378 5.32 22.55 -1.98
C THR A 378 5.37 22.03 -0.54
N VAL A 379 6.39 21.25 -0.23
CA VAL A 379 6.63 20.76 1.12
C VAL A 379 7.15 21.95 1.95
N ASP A 380 6.51 22.21 3.08
CA ASP A 380 6.81 23.33 3.95
C ASP A 380 8.18 23.13 4.58
N ARG A 381 9.07 24.11 4.35
N ARG A 381 9.08 24.10 4.38
CA ARG A 381 10.47 24.07 4.84
CA ARG A 381 10.46 24.01 4.89
C ARG A 381 10.58 24.47 6.33
C ARG A 381 10.63 24.51 6.33
N ASP A 382 9.65 25.30 6.80
CA ASP A 382 9.63 25.84 8.17
CA ASP A 382 9.69 25.81 8.18
C ASP A 382 8.95 24.89 9.17
N ASP A 383 8.71 23.65 8.73
CA ASP A 383 7.96 22.65 9.49
C ASP A 383 8.59 21.28 9.31
N GLU A 384 9.13 20.69 10.39
CA GLU A 384 9.38 19.25 10.34
C GLU A 384 8.47 18.42 11.24
N ARG A 385 7.18 18.46 10.91
CA ARG A 385 6.24 17.44 11.37
CA ARG A 385 6.21 17.46 11.34
C ARG A 385 6.39 16.25 10.41
N LEU A 386 7.40 16.35 9.54
CA LEU A 386 7.72 15.36 8.50
C LEU A 386 8.52 14.18 9.03
N ARG A 387 7.82 13.22 9.63
CA ARG A 387 8.45 12.02 10.20
CA ARG A 387 8.49 12.03 10.17
C ARG A 387 8.29 10.82 9.28
N HIS A 388 9.39 10.37 8.68
CA HIS A 388 9.40 9.21 7.78
C HIS A 388 9.05 7.94 8.55
N PHE A 389 8.32 7.02 7.89
CA PHE A 389 8.12 5.69 8.45
C PHE A 389 9.48 5.01 8.57
N GLU A 390 9.73 4.37 9.71
CA GLU A 390 11.07 3.84 9.92
CA GLU A 390 11.03 3.78 10.05
C GLU A 390 11.24 2.46 9.30
N GLN A 391 10.14 1.70 9.24
CA GLN A 391 10.16 0.40 8.58
CA GLN A 391 10.15 0.38 8.63
C GLN A 391 8.89 0.11 7.78
N ILE A 392 8.97 -0.93 6.95
CA ILE A 392 7.88 -1.45 6.09
C ILE A 392 7.53 -0.52 4.90
N VAL A 393 7.17 0.73 5.21
CA VAL A 393 6.66 1.68 4.23
C VAL A 393 7.73 2.68 3.83
N LEU A 394 7.71 3.12 2.56
CA LEU A 394 8.61 4.17 2.12
C LEU A 394 7.82 5.47 1.98
N GLY A 395 7.90 6.34 3.01
CA GLY A 395 7.30 7.67 2.92
C GLY A 395 7.15 8.29 4.30
N THR A 396 6.24 9.25 4.43
CA THR A 396 6.07 10.02 5.66
C THR A 396 4.66 9.95 6.26
N ARG A 397 4.60 9.98 7.58
CA ARG A 397 3.34 9.97 8.31
C ARG A 397 2.59 11.28 8.16
N HIS A 398 3.31 12.39 7.98
CA HIS A 398 2.68 13.69 7.71
C HIS A 398 3.40 14.33 6.55
N LEU A 399 2.76 15.32 5.93
CA LEU A 399 3.39 16.13 4.89
C LEU A 399 2.89 17.57 5.01
N PRO A 400 3.58 18.39 5.83
CA PRO A 400 3.28 19.82 5.85
C PRO A 400 3.51 20.43 4.46
N VAL A 401 2.50 21.08 3.91
CA VAL A 401 2.57 21.70 2.59
C VAL A 401 2.16 23.18 2.64
N LEU A 402 2.46 23.88 1.55
CA LEU A 402 2.11 25.27 1.37
C LEU A 402 1.54 25.44 -0.01
N ALA A 403 0.36 26.05 -0.08
CA ALA A 403 -0.26 26.50 -1.34
C ALA A 403 0.05 27.97 -1.53
N GLY A 404 0.74 28.29 -2.61
CA GLY A 404 1.03 29.65 -2.97
C GLY A 404 -0.13 30.37 -3.60
N SER A 405 -1.07 29.60 -4.14
CA SER A 405 -2.24 30.11 -4.82
C SER A 405 -3.43 29.28 -4.37
N SER A 406 -4.57 29.95 -4.25
CA SER A 406 -5.82 29.24 -3.97
C SER A 406 -6.94 30.21 -4.26
N PRO A 407 -8.18 29.71 -4.39
CA PRO A 407 -9.33 30.61 -4.57
C PRO A 407 -9.56 31.61 -3.44
N ARG A 408 -8.93 31.40 -2.28
CA ARG A 408 -9.06 32.34 -1.13
C ARG A 408 -8.33 33.69 -1.29
N GLN A 409 -7.33 33.74 -2.16
CA GLN A 409 -6.57 35.00 -2.34
C GLN A 409 -7.39 36.08 -3.01
N SER A 410 -7.44 37.25 -2.37
CA SER A 410 -8.16 38.39 -2.94
C SER A 410 -7.16 39.27 -3.68
N ALA A 411 -6.44 38.65 -4.61
N ALA A 411 -6.54 38.73 -4.73
CA ALA A 411 -5.37 39.24 -5.40
CA ALA A 411 -5.72 39.53 -5.64
C ALA A 411 -4.91 38.25 -6.49
C ALA A 411 -6.58 40.50 -6.45
#